data_5TCO
#
_entry.id   5TCO
#
_cell.length_a   66.070
_cell.length_b   69.750
_cell.length_c   74.730
_cell.angle_alpha   90.000
_cell.angle_beta   90.000
_cell.angle_gamma   90.000
#
_symmetry.space_group_name_H-M   'P 21 21 21'
#
loop_
_entity.id
_entity.type
_entity.pdbx_description
1 polymer 'Mitogen-activated protein kinase 14'
2 non-polymer "3-[(3-benzamido-4-fluoranyl-phenyl)amino]-~{N}-(2-morpholin-4-ylethyl)-11-oxidanylidene-5,6-dihydrodibenzo[1,2-~{d}:1',2'-~{f}][7]annulene-9-carboxamide"
3 non-polymer 'octyl beta-D-glucopyranoside'
4 water water
#
_entity_poly.entity_id   1
_entity_poly.type   'polypeptide(L)'
_entity_poly.pdbx_seq_one_letter_code
;GSQERPTFYRQELNKTIWEVPERYQNLSPVGSGAYGSVCAAFDTKTGLRVAVKKLSRPFQSIIHAKRTYRELRLLKHMKH
ENVIGLLDVFTPARSLEEFNDVYLVTHLMGADLNNIVKCQKLTDDHVQFLIYQILRGLKYIHSADIIHRDLKPSNLAVNE
DCELKILDFGLARHTDDEMTGYVATRWYRAPEIMLNWMHYNQTVDIWSVGCIMAELLTGRTLFPGTDHIDQLKLILRLVG
TPGAELLKKISSESARNYIQSLTQMPKMNFANVFIGANPLAVDLLEKMLVLDSDKRITAAQALAHAYFAQYHDPDDEPVA
DPYDQSFESRDLLIDEWKSLTYDEVISFVPPPLDQEEMES
;
_entity_poly.pdbx_strand_id   A
#
loop_
_chem_comp.id
_chem_comp.type
_chem_comp.name
_chem_comp.formula
79Q non-polymer 3-[(3-benzamido-4-fluoranyl-phenyl)amino]-~{N}-(2-morpholin-4-ylethyl)-11-oxidanylidene-5,6-dihydrodibenzo[1,2-~{d}:1',2'-~{f}][7]annulene-9-carboxamide 'C35 H33 F N4 O4'
BOG D-saccharide 'octyl beta-D-glucopyranoside' 'C14 H28 O6'
#
# COMPACT_ATOMS: atom_id res chain seq x y z
N PRO A 6 -12.09 -25.23 16.08
CA PRO A 6 -13.44 -25.24 15.53
C PRO A 6 -13.64 -26.26 14.42
N THR A 7 -14.88 -26.33 13.96
CA THR A 7 -15.31 -27.25 12.93
C THR A 7 -15.11 -26.54 11.62
N PHE A 8 -14.42 -27.21 10.70
CA PHE A 8 -14.21 -26.66 9.37
C PHE A 8 -15.25 -27.23 8.43
N TYR A 9 -15.35 -26.64 7.26
CA TYR A 9 -16.10 -27.25 6.18
C TYR A 9 -15.33 -26.90 4.93
N ARG A 10 -15.63 -27.59 3.84
CA ARG A 10 -14.82 -27.53 2.64
C ARG A 10 -15.65 -27.11 1.43
N GLN A 11 -15.05 -26.40 0.48
CA GLN A 11 -15.83 -25.77 -0.58
C GLN A 11 -14.95 -25.39 -1.78
N GLU A 12 -15.49 -25.48 -3.00
CA GLU A 12 -14.69 -25.23 -4.20
C GLU A 12 -14.76 -23.76 -4.54
N LEU A 13 -13.64 -23.06 -4.43
CA LEU A 13 -13.59 -21.64 -4.75
C LEU A 13 -12.28 -21.32 -5.46
N ASN A 14 -12.35 -20.43 -6.45
CA ASN A 14 -11.18 -20.00 -7.23
C ASN A 14 -10.26 -21.14 -7.72
N LYS A 15 -10.88 -22.26 -8.08
CA LYS A 15 -10.17 -23.45 -8.59
C LYS A 15 -9.59 -24.34 -7.52
N THR A 16 -9.73 -24.00 -6.24
CA THR A 16 -9.22 -24.90 -5.17
C THR A 16 -10.26 -25.26 -4.16
N ILE A 17 -9.89 -26.18 -3.27
CA ILE A 17 -10.67 -26.53 -2.08
C ILE A 17 -10.27 -25.66 -0.86
N TRP A 18 -11.13 -24.71 -0.50
CA TRP A 18 -10.99 -23.91 0.71
C TRP A 18 -11.63 -24.61 1.89
N GLU A 19 -10.87 -24.82 2.95
CA GLU A 19 -11.34 -25.43 4.17
C GLU A 19 -11.25 -24.34 5.22
N VAL A 20 -12.40 -23.92 5.74
CA VAL A 20 -12.51 -22.80 6.68
C VAL A 20 -13.42 -23.14 7.87
N PRO A 21 -13.20 -22.50 9.01
CA PRO A 21 -14.17 -22.70 10.08
C PRO A 21 -15.64 -22.26 9.74
N GLU A 22 -16.58 -22.97 10.35
CA GLU A 22 -17.98 -22.75 10.08
C GLU A 22 -18.46 -21.29 10.34
N ARG A 23 -17.76 -20.58 11.21
CA ARG A 23 -18.12 -19.19 11.47
C ARG A 23 -18.24 -18.36 10.22
N TYR A 24 -17.37 -18.64 9.25
CA TYR A 24 -17.27 -17.91 8.01
C TYR A 24 -18.18 -18.54 6.98
N GLN A 25 -19.13 -17.76 6.48
CA GLN A 25 -20.15 -18.22 5.57
C GLN A 25 -20.20 -17.31 4.38
N ASN A 26 -20.93 -17.76 3.36
CA ASN A 26 -21.22 -16.93 2.19
C ASN A 26 -19.99 -16.49 1.42
N LEU A 27 -18.97 -17.35 1.37
CA LEU A 27 -17.72 -17.02 0.69
C LEU A 27 -17.97 -16.85 -0.78
N SER A 28 -17.57 -15.71 -1.32
CA SER A 28 -17.62 -15.47 -2.78
C SER A 28 -16.37 -14.70 -3.29
N PRO A 29 -15.75 -15.16 -4.39
CA PRO A 29 -14.54 -14.52 -4.90
C PRO A 29 -14.63 -13.01 -5.13
N VAL A 30 -13.59 -12.29 -4.77
CA VAL A 30 -13.51 -10.89 -5.16
C VAL A 30 -12.33 -10.64 -6.14
N GLY A 31 -11.21 -11.32 -5.92
CA GLY A 31 -10.05 -11.10 -6.80
C GLY A 31 -8.74 -11.83 -6.49
N SER A 32 -7.81 -11.68 -7.43
CA SER A 32 -6.42 -12.14 -7.26
C SER A 32 -5.77 -11.44 -6.07
N SER A 37 -5.36 -15.71 -3.18
CA SER A 37 -6.68 -15.26 -3.64
C SER A 37 -7.68 -14.96 -2.51
N VAL A 38 -8.53 -13.97 -2.75
CA VAL A 38 -9.41 -13.38 -1.73
C VAL A 38 -10.92 -13.59 -1.99
N CYS A 39 -11.62 -14.08 -0.98
CA CYS A 39 -13.06 -14.18 -0.96
C CYS A 39 -13.66 -13.23 0.08
N ALA A 40 -14.86 -12.77 -0.21
CA ALA A 40 -15.63 -12.01 0.73
C ALA A 40 -16.48 -13.03 1.45
N ALA A 41 -16.76 -12.72 2.69
CA ALA A 41 -17.47 -13.66 3.53
C ALA A 41 -18.07 -12.91 4.67
N PHE A 42 -18.96 -13.59 5.36
CA PHE A 42 -19.56 -13.08 6.58
C PHE A 42 -19.11 -13.87 7.82
N ASP A 43 -18.47 -13.20 8.77
CA ASP A 43 -18.10 -13.87 9.98
C ASP A 43 -19.34 -13.92 10.95
N THR A 44 -20.05 -15.04 10.98
CA THR A 44 -21.26 -15.12 11.80
C THR A 44 -20.99 -14.95 13.30
N LYS A 45 -19.74 -15.16 13.73
CA LYS A 45 -19.36 -14.97 15.10
C LYS A 45 -19.22 -13.51 15.56
N THR A 46 -18.72 -12.63 14.72
CA THR A 46 -18.58 -11.22 15.12
C THR A 46 -19.58 -10.38 14.41
N GLY A 47 -20.27 -10.93 13.41
CA GLY A 47 -21.18 -10.10 12.65
C GLY A 47 -20.49 -9.13 11.69
N LEU A 48 -19.23 -9.37 11.36
CA LEU A 48 -18.47 -8.50 10.42
C LEU A 48 -18.42 -9.15 9.03
N ARG A 49 -18.46 -8.31 8.02
CA ARG A 49 -18.09 -8.75 6.68
C ARG A 49 -16.56 -8.84 6.60
N VAL A 50 -16.02 -9.92 6.08
CA VAL A 50 -14.58 -10.09 6.19
C VAL A 50 -14.03 -10.56 4.89
N ALA A 51 -12.72 -10.32 4.68
CA ALA A 51 -12.03 -10.86 3.54
C ALA A 51 -11.14 -12.00 4.04
N VAL A 52 -11.23 -13.13 3.37
CA VAL A 52 -10.49 -14.32 3.65
C VAL A 52 -9.59 -14.63 2.45
N LYS A 53 -8.30 -14.70 2.71
CA LYS A 53 -7.31 -14.82 1.68
C LYS A 53 -6.63 -16.11 1.92
N LYS A 54 -6.74 -17.05 0.98
CA LYS A 54 -6.02 -18.32 1.03
C LYS A 54 -4.70 -18.17 0.30
N LEU A 55 -3.59 -18.48 0.94
CA LEU A 55 -2.28 -18.22 0.30
C LEU A 55 -2.00 -19.36 -0.67
N SER A 56 -1.48 -19.02 -1.84
CA SER A 56 -1.11 -20.03 -2.82
C SER A 56 0.32 -20.51 -2.59
N ARG A 57 0.46 -21.80 -2.30
CA ARG A 57 1.72 -22.51 -2.19
C ARG A 57 2.64 -21.87 -1.18
N PRO A 58 2.14 -21.63 0.06
CA PRO A 58 2.87 -20.80 1.02
C PRO A 58 4.25 -21.36 1.37
N PHE A 59 4.43 -22.66 1.37
CA PHE A 59 5.72 -23.26 1.78
C PHE A 59 6.47 -24.09 0.73
N GLN A 60 6.24 -23.74 -0.53
CA GLN A 60 6.85 -24.37 -1.72
C GLN A 60 8.38 -24.27 -1.74
N SER A 61 8.86 -23.09 -1.39
CA SER A 61 10.27 -22.67 -1.53
C SER A 61 10.64 -21.79 -0.32
N ILE A 62 11.94 -21.55 -0.13
CA ILE A 62 12.42 -20.55 0.82
C ILE A 62 11.76 -19.19 0.57
N ILE A 63 11.76 -18.73 -0.67
CA ILE A 63 11.13 -17.45 -1.02
C ILE A 63 9.63 -17.39 -0.72
N HIS A 64 8.86 -18.43 -1.06
CA HIS A 64 7.44 -18.45 -0.69
C HIS A 64 7.25 -18.42 0.80
N ALA A 65 8.04 -19.23 1.50
CA ALA A 65 7.93 -19.37 2.95
C ALA A 65 8.22 -18.08 3.68
N LYS A 66 9.24 -17.38 3.23
CA LYS A 66 9.62 -16.13 3.89
C LYS A 66 8.53 -15.12 3.60
N ARG A 67 8.00 -15.19 2.40
CA ARG A 67 6.94 -14.23 1.99
C ARG A 67 5.62 -14.44 2.77
N THR A 68 5.35 -15.69 3.09
CA THR A 68 4.17 -16.07 3.85
C THR A 68 4.33 -15.48 5.27
N TYR A 69 5.50 -15.73 5.87
CA TYR A 69 5.85 -15.29 7.20
C TYR A 69 5.77 -13.77 7.26
N ARG A 70 6.35 -13.10 6.28
CA ARG A 70 6.36 -11.63 6.21
C ARG A 70 4.94 -11.12 6.24
N GLU A 71 4.11 -11.67 5.35
CA GLU A 71 2.72 -11.23 5.33
C GLU A 71 2.02 -11.37 6.69
N LEU A 72 2.17 -12.50 7.31
CA LEU A 72 1.54 -12.71 8.61
C LEU A 72 2.07 -11.77 9.64
N ARG A 73 3.39 -11.60 9.69
CA ARG A 73 4.05 -10.69 10.64
C ARG A 73 3.57 -9.28 10.40
N LEU A 74 3.57 -8.85 9.19
CA LEU A 74 3.12 -7.48 8.89
C LEU A 74 1.67 -7.23 9.38
N LEU A 75 0.78 -8.13 8.98
CA LEU A 75 -0.63 -7.98 9.29
C LEU A 75 -0.90 -8.09 10.80
N LYS A 76 -0.14 -8.92 11.51
CA LYS A 76 -0.26 -8.99 12.98
C LYS A 76 0.15 -7.70 13.63
N HIS A 77 1.15 -7.04 13.08
CA HIS A 77 1.70 -5.87 13.72
C HIS A 77 0.82 -4.63 13.60
N MET A 78 0.16 -4.50 12.46
CA MET A 78 -0.49 -3.23 12.06
C MET A 78 -1.80 -3.07 12.76
N LYS A 79 -1.87 -2.08 13.61
CA LYS A 79 -3.05 -1.81 14.40
C LYS A 79 -3.41 -0.32 14.26
N HIS A 80 -4.17 -0.01 13.21
CA HIS A 80 -4.46 1.38 12.85
C HIS A 80 -5.66 1.37 11.95
N GLU A 81 -6.53 2.36 12.12
CA GLU A 81 -7.80 2.47 11.37
C GLU A 81 -7.65 2.56 9.85
N ASN A 82 -6.56 3.10 9.37
CA ASN A 82 -6.34 3.30 7.94
C ASN A 82 -5.31 2.30 7.31
N VAL A 83 -5.03 1.20 8.00
CA VAL A 83 -4.16 0.16 7.56
C VAL A 83 -4.88 -1.16 7.76
N ILE A 84 -4.89 -1.98 6.75
CA ILE A 84 -5.49 -3.28 6.92
C ILE A 84 -4.74 -3.99 8.04
N GLY A 85 -5.51 -4.73 8.85
CA GLY A 85 -4.97 -5.55 9.95
C GLY A 85 -5.65 -6.93 10.08
N LEU A 86 -5.03 -7.78 10.86
CA LEU A 86 -5.38 -9.19 10.93
C LEU A 86 -6.53 -9.37 11.88
N LEU A 87 -7.68 -9.85 11.38
CA LEU A 87 -8.78 -10.24 12.27
C LEU A 87 -8.70 -11.69 12.76
N ASP A 88 -8.14 -12.58 11.94
CA ASP A 88 -8.01 -14.00 12.29
C ASP A 88 -7.00 -14.61 11.33
N VAL A 89 -6.34 -15.69 11.75
CA VAL A 89 -5.57 -16.51 10.83
C VAL A 89 -5.81 -17.94 11.21
N PHE A 90 -5.98 -18.81 10.25
CA PHE A 90 -6.24 -20.21 10.60
C PHE A 90 -5.62 -21.17 9.64
N THR A 91 -5.59 -22.42 10.04
CA THR A 91 -5.19 -23.52 9.20
C THR A 91 -6.02 -24.75 9.55
N PRO A 92 -6.43 -25.54 8.51
CA PRO A 92 -7.01 -26.88 8.65
C PRO A 92 -6.09 -27.89 9.39
N ALA A 93 -4.79 -27.71 9.23
CA ALA A 93 -3.77 -28.56 9.89
C ALA A 93 -3.88 -28.59 11.43
N ARG A 94 -3.72 -29.78 12.00
CA ARG A 94 -3.69 -29.95 13.46
C ARG A 94 -2.25 -29.99 14.02
N SER A 95 -1.26 -30.12 13.15
CA SER A 95 0.13 -30.19 13.60
C SER A 95 1.06 -29.51 12.62
N LEU A 96 2.30 -29.34 13.05
CA LEU A 96 3.36 -28.82 12.16
C LEU A 96 3.55 -29.62 10.89
N GLU A 97 3.50 -30.94 11.00
CA GLU A 97 3.88 -31.81 9.86
C GLU A 97 2.79 -31.73 8.80
N GLU A 98 1.54 -31.71 9.23
CA GLU A 98 0.46 -31.54 8.26
C GLU A 98 0.28 -30.07 7.83
N PHE A 99 0.88 -29.14 8.59
CA PHE A 99 0.76 -27.70 8.29
C PHE A 99 1.22 -27.37 6.87
N ASN A 100 0.24 -27.14 6.01
CA ASN A 100 0.52 -26.78 4.64
C ASN A 100 -0.31 -25.62 4.08
N ASP A 101 -1.36 -25.20 4.78
CA ASP A 101 -2.24 -24.09 4.32
C ASP A 101 -2.42 -22.95 5.35
N VAL A 102 -2.41 -21.72 4.85
CA VAL A 102 -2.58 -20.52 5.65
C VAL A 102 -3.72 -19.68 5.06
N TYR A 103 -4.65 -19.29 5.92
CA TYR A 103 -5.74 -18.38 5.56
C TYR A 103 -5.67 -17.14 6.42
N LEU A 104 -5.78 -15.98 5.80
CA LEU A 104 -5.76 -14.74 6.55
C LEU A 104 -7.11 -14.08 6.37
N VAL A 105 -7.60 -13.48 7.44
CA VAL A 105 -8.92 -12.86 7.51
C VAL A 105 -8.77 -11.42 7.92
N THR A 106 -9.34 -10.53 7.14
CA THR A 106 -9.24 -9.10 7.43
C THR A 106 -10.62 -8.48 7.27
N HIS A 107 -10.73 -7.20 7.61
CA HIS A 107 -11.95 -6.47 7.30
C HIS A 107 -12.27 -6.53 5.82
N LEU A 108 -13.56 -6.56 5.50
CA LEU A 108 -13.98 -6.39 4.14
C LEU A 108 -14.45 -4.95 3.99
N MET A 109 -13.84 -4.15 3.14
CA MET A 109 -14.31 -2.78 3.01
C MET A 109 -15.41 -2.68 1.96
N GLY A 110 -15.25 -3.42 0.86
CA GLY A 110 -16.30 -3.59 -0.09
C GLY A 110 -16.04 -3.00 -1.47
N ALA A 111 -14.94 -2.27 -1.61
CA ALA A 111 -14.59 -1.62 -2.89
C ALA A 111 -13.14 -1.15 -2.77
N ASP A 112 -12.47 -0.88 -3.89
CA ASP A 112 -11.21 -0.15 -3.86
C ASP A 112 -11.43 1.25 -4.38
N LEU A 113 -10.41 2.10 -4.27
CA LEU A 113 -10.56 3.50 -4.64
C LEU A 113 -11.00 3.75 -6.08
N ASN A 114 -10.61 2.91 -7.02
CA ASN A 114 -11.11 3.06 -8.41
C ASN A 114 -12.63 2.98 -8.52
N ASN A 115 -13.20 2.06 -7.73
CA ASN A 115 -14.64 1.86 -7.62
C ASN A 115 -15.35 3.12 -7.09
N ILE A 116 -14.67 3.89 -6.25
CA ILE A 116 -15.22 5.13 -5.67
C ILE A 116 -15.15 6.28 -6.66
N VAL A 117 -14.07 6.34 -7.42
CA VAL A 117 -13.86 7.43 -8.36
C VAL A 117 -14.65 7.21 -9.66
N LYS A 118 -14.67 5.99 -10.19
CA LYS A 118 -15.34 5.72 -11.49
C LYS A 118 -15.03 6.83 -12.48
N CYS A 119 -13.74 7.15 -12.63
CA CYS A 119 -13.26 8.21 -13.56
C CYS A 119 -13.95 9.57 -13.42
N GLN A 120 -14.44 9.89 -12.23
CA GLN A 120 -15.15 11.15 -12.00
C GLN A 120 -14.38 12.05 -11.01
N LYS A 121 -14.46 13.38 -11.17
CA LYS A 121 -13.88 14.33 -10.20
C LYS A 121 -14.58 14.19 -8.85
N LEU A 122 -13.82 14.11 -7.79
CA LEU A 122 -14.36 14.27 -6.43
C LEU A 122 -14.34 15.74 -5.99
N THR A 123 -15.17 16.12 -5.03
CA THR A 123 -15.14 17.49 -4.50
C THR A 123 -13.85 17.61 -3.71
N ASP A 124 -13.44 18.84 -3.54
CA ASP A 124 -12.22 19.11 -2.83
C ASP A 124 -12.28 18.53 -1.42
N ASP A 125 -13.44 18.65 -0.80
CA ASP A 125 -13.68 18.19 0.58
C ASP A 125 -13.51 16.69 0.71
N HIS A 126 -14.01 15.98 -0.29
CA HIS A 126 -13.89 14.51 -0.35
C HIS A 126 -12.44 14.10 -0.58
N VAL A 127 -11.77 14.85 -1.43
CA VAL A 127 -10.33 14.59 -1.69
C VAL A 127 -9.58 14.76 -0.39
N GLN A 128 -9.76 15.91 0.27
CA GLN A 128 -9.25 16.13 1.66
C GLN A 128 -9.36 14.91 2.58
N PHE A 129 -10.54 14.39 2.69
CA PHE A 129 -10.82 13.36 3.66
C PHE A 129 -10.06 12.08 3.29
N LEU A 130 -10.09 11.78 2.00
CA LEU A 130 -9.48 10.62 1.45
C LEU A 130 -7.96 10.66 1.54
N ILE A 131 -7.38 11.77 1.14
CA ILE A 131 -5.93 11.88 1.15
C ILE A 131 -5.48 11.93 2.61
N TYR A 132 -6.25 12.61 3.45
CA TYR A 132 -5.93 12.65 4.87
C TYR A 132 -5.77 11.25 5.44
N GLN A 133 -6.77 10.41 5.23
CA GLN A 133 -6.69 9.05 5.71
C GLN A 133 -5.48 8.26 5.16
N ILE A 134 -5.14 8.44 3.87
CA ILE A 134 -3.99 7.77 3.25
C ILE A 134 -2.78 8.19 4.02
N LEU A 135 -2.62 9.52 4.23
CA LEU A 135 -1.43 10.00 4.90
C LEU A 135 -1.36 9.55 6.37
N ARG A 136 -2.51 9.49 7.01
CA ARG A 136 -2.53 9.07 8.37
C ARG A 136 -2.01 7.59 8.46
N GLY A 137 -2.44 6.74 7.53
CA GLY A 137 -1.98 5.35 7.46
C GLY A 137 -0.54 5.28 7.14
N LEU A 138 -0.06 6.14 6.21
CA LEU A 138 1.34 6.11 5.87
C LEU A 138 2.22 6.54 7.05
N LYS A 139 1.77 7.53 7.83
CA LYS A 139 2.63 8.02 8.92
C LYS A 139 2.94 6.84 9.84
N TYR A 140 1.89 6.07 10.09
CA TYR A 140 1.94 4.91 10.95
C TYR A 140 2.90 3.87 10.35
N ILE A 141 2.65 3.47 9.10
CA ILE A 141 3.46 2.50 8.37
C ILE A 141 4.92 2.94 8.40
N HIS A 142 5.14 4.19 7.99
CA HIS A 142 6.49 4.74 7.93
C HIS A 142 7.15 4.83 9.29
N SER A 143 6.38 5.08 10.33
CA SER A 143 6.93 5.08 11.70
C SER A 143 7.47 3.73 12.16
N ALA A 144 7.09 2.64 11.51
CA ALA A 144 7.65 1.31 11.80
C ALA A 144 8.77 0.93 10.82
N ASP A 145 9.27 1.91 10.08
CA ASP A 145 10.31 1.64 9.07
C ASP A 145 9.84 0.68 7.98
N ILE A 146 8.57 0.77 7.61
CA ILE A 146 7.96 -0.06 6.58
C ILE A 146 7.56 0.90 5.50
N ILE A 147 7.74 0.51 4.24
CA ILE A 147 7.47 1.37 3.08
C ILE A 147 6.53 0.58 2.19
N HIS A 148 5.61 1.25 1.52
CA HIS A 148 4.62 0.49 0.75
C HIS A 148 5.30 0.11 -0.52
N ARG A 149 5.71 1.12 -1.27
CA ARG A 149 6.45 0.97 -2.48
C ARG A 149 5.58 0.78 -3.72
N ASP A 150 4.32 0.45 -3.57
CA ASP A 150 3.44 0.25 -4.72
C ASP A 150 2.05 0.69 -4.36
N LEU A 151 1.99 1.88 -3.75
CA LEU A 151 0.74 2.48 -3.40
C LEU A 151 -0.02 2.89 -4.69
N LYS A 152 -1.29 2.51 -4.72
CA LYS A 152 -2.17 2.79 -5.82
C LYS A 152 -3.66 2.54 -5.45
N PRO A 153 -4.56 3.04 -6.31
CA PRO A 153 -5.94 3.02 -5.95
C PRO A 153 -6.45 1.63 -5.64
N SER A 154 -5.94 0.61 -6.33
CA SER A 154 -6.43 -0.75 -6.15
C SER A 154 -5.94 -1.41 -4.84
N ASN A 155 -4.98 -0.77 -4.20
CA ASN A 155 -4.46 -1.09 -2.89
C ASN A 155 -5.04 -0.30 -1.80
N LEU A 156 -6.03 0.51 -2.10
CA LEU A 156 -6.75 1.25 -1.10
C LEU A 156 -8.20 0.82 -1.07
N ALA A 157 -8.54 0.12 0.01
CA ALA A 157 -9.84 -0.45 0.23
C ALA A 157 -10.70 0.54 0.96
N VAL A 158 -11.93 0.71 0.45
CA VAL A 158 -12.78 1.78 0.90
C VAL A 158 -14.22 1.30 1.12
N ASN A 159 -14.84 1.70 2.23
CA ASN A 159 -16.21 1.26 2.53
C ASN A 159 -17.18 2.35 2.07
N GLU A 160 -18.47 2.14 2.36
CA GLU A 160 -19.52 3.09 1.98
C GLU A 160 -19.31 4.52 2.51
N ASP A 161 -19.04 4.66 3.79
CA ASP A 161 -18.66 5.92 4.40
C ASP A 161 -17.32 6.52 3.84
N CYS A 162 -16.66 5.86 2.90
CA CYS A 162 -15.33 6.29 2.40
C CYS A 162 -14.23 6.29 3.49
N GLU A 163 -14.39 5.45 4.49
CA GLU A 163 -13.28 5.09 5.40
C GLU A 163 -12.32 4.18 4.63
N LEU A 164 -11.03 4.44 4.76
CA LEU A 164 -10.04 3.87 3.86
C LEU A 164 -8.97 3.03 4.60
N LYS A 165 -8.57 1.91 4.01
CA LYS A 165 -7.46 1.12 4.53
C LYS A 165 -6.51 0.77 3.40
N ILE A 166 -5.21 0.86 3.70
CA ILE A 166 -4.13 0.55 2.81
C ILE A 166 -3.86 -0.95 2.86
N LEU A 167 -3.78 -1.56 1.67
CA LEU A 167 -3.47 -2.96 1.47
C LEU A 167 -2.06 -3.15 0.91
N ASP A 168 -1.51 -4.34 1.12
CA ASP A 168 -0.34 -4.88 0.38
C ASP A 168 0.97 -4.10 0.50
N PHE A 169 1.19 -3.52 1.68
CA PHE A 169 2.41 -2.71 1.99
C PHE A 169 3.58 -3.57 2.42
N GLY A 170 4.80 -3.09 2.19
CA GLY A 170 6.04 -3.75 2.60
C GLY A 170 6.39 -5.09 1.97
N LEU A 171 6.08 -5.27 0.69
CA LEU A 171 6.39 -6.51 -0.06
C LEU A 171 7.87 -6.52 -0.47
N THR A 185 -0.66 1.03 -13.68
CA THR A 185 0.10 -0.04 -12.97
C THR A 185 1.52 0.39 -12.60
N ARG A 186 2.23 1.04 -13.51
CA ARG A 186 3.40 1.88 -13.10
C ARG A 186 2.96 3.36 -12.98
N TRP A 187 1.66 3.62 -13.16
CA TRP A 187 1.17 5.03 -13.19
C TRP A 187 1.39 5.86 -11.86
N TYR A 188 1.51 5.15 -10.75
CA TYR A 188 1.60 5.75 -9.42
C TYR A 188 2.97 5.58 -8.80
N ARG A 189 3.92 5.07 -9.59
CA ARG A 189 5.23 4.68 -9.05
C ARG A 189 6.17 5.80 -9.06
N ALA A 190 7.00 5.85 -8.02
CA ALA A 190 8.02 6.88 -7.92
C ALA A 190 8.98 6.67 -9.06
N PRO A 191 9.51 7.74 -9.64
CA PRO A 191 10.40 7.58 -10.79
C PRO A 191 11.70 6.77 -10.51
N GLU A 192 12.26 6.94 -9.31
CA GLU A 192 13.42 6.19 -8.86
C GLU A 192 13.16 4.69 -8.75
N ILE A 193 11.95 4.27 -8.41
CA ILE A 193 11.69 2.85 -8.38
C ILE A 193 11.73 2.28 -9.81
N MET A 194 11.29 3.08 -10.77
CA MET A 194 11.21 2.59 -12.13
C MET A 194 12.59 2.52 -12.74
N LEU A 195 13.49 3.31 -12.19
CA LEU A 195 14.88 3.33 -12.58
C LEU A 195 15.78 2.47 -11.68
N ASN A 196 15.16 1.69 -10.80
CA ASN A 196 15.83 0.64 -10.00
C ASN A 196 16.98 1.22 -9.23
N TRP A 197 16.72 2.36 -8.59
CA TRP A 197 17.69 3.16 -7.86
C TRP A 197 18.31 2.40 -6.68
N MET A 198 17.51 1.57 -6.05
CA MET A 198 17.94 0.62 -4.99
C MET A 198 18.06 1.09 -3.54
N HIS A 199 17.92 2.38 -3.25
CA HIS A 199 18.12 2.89 -1.88
C HIS A 199 16.93 3.79 -1.56
N TYR A 200 15.75 3.21 -1.41
CA TYR A 200 14.52 3.97 -1.48
C TYR A 200 14.21 4.67 -0.19
N ASN A 201 13.81 5.91 -0.26
CA ASN A 201 13.37 6.48 1.00
C ASN A 201 11.85 6.47 1.11
N GLN A 202 11.35 6.72 2.30
CA GLN A 202 9.96 6.58 2.58
C GLN A 202 9.10 7.44 1.65
N THR A 203 9.64 8.53 1.13
CA THR A 203 8.84 9.43 0.32
C THR A 203 8.52 8.86 -1.08
N VAL A 204 8.89 7.60 -1.39
CA VAL A 204 8.43 7.02 -2.61
C VAL A 204 6.92 6.90 -2.55
N ASP A 205 6.39 6.61 -1.37
CA ASP A 205 4.99 6.48 -1.18
C ASP A 205 4.28 7.88 -1.32
N ILE A 206 4.99 8.94 -0.95
CA ILE A 206 4.45 10.29 -1.10
C ILE A 206 4.21 10.66 -2.57
N TRP A 207 5.12 10.28 -3.44
CA TRP A 207 4.95 10.47 -4.86
C TRP A 207 3.65 9.85 -5.25
N SER A 208 3.47 8.61 -4.83
CA SER A 208 2.28 7.90 -5.16
C SER A 208 1.02 8.61 -4.72
N VAL A 209 1.06 9.13 -3.49
CA VAL A 209 0.01 9.97 -2.93
C VAL A 209 -0.30 11.14 -3.85
N GLY A 210 0.69 11.87 -4.31
CA GLY A 210 0.38 13.02 -5.23
C GLY A 210 -0.29 12.59 -6.51
N CYS A 211 0.19 11.50 -7.09
CA CYS A 211 -0.45 10.95 -8.28
C CYS A 211 -1.95 10.59 -8.08
N ILE A 212 -2.25 9.95 -6.94
CA ILE A 212 -3.61 9.59 -6.57
C ILE A 212 -4.46 10.85 -6.30
N MET A 213 -3.91 11.75 -5.53
CA MET A 213 -4.58 13.00 -5.28
C MET A 213 -4.95 13.78 -6.54
N ALA A 214 -4.03 13.95 -7.46
CA ALA A 214 -4.31 14.69 -8.69
C ALA A 214 -5.47 14.05 -9.42
N GLU A 215 -5.44 12.72 -9.45
CA GLU A 215 -6.45 11.94 -10.12
C GLU A 215 -7.86 12.06 -9.47
N LEU A 216 -7.92 12.07 -8.13
CA LEU A 216 -9.18 12.32 -7.45
C LEU A 216 -9.75 13.68 -7.85
N LEU A 217 -8.90 14.67 -8.04
CA LEU A 217 -9.33 16.03 -8.29
C LEU A 217 -9.73 16.29 -9.74
N THR A 218 -9.14 15.57 -10.70
CA THR A 218 -9.47 15.77 -12.13
C THR A 218 -10.36 14.66 -12.69
N GLY A 219 -10.35 13.50 -12.06
CA GLY A 219 -10.90 12.28 -12.68
C GLY A 219 -10.03 11.58 -13.70
N ARG A 220 -8.83 12.12 -13.97
CA ARG A 220 -7.91 11.58 -14.98
C ARG A 220 -6.54 11.20 -14.42
N THR A 221 -5.96 10.15 -14.98
CA THR A 221 -4.65 9.69 -14.57
C THR A 221 -3.69 10.83 -14.77
N LEU A 222 -2.89 11.15 -13.77
CA LEU A 222 -1.95 12.27 -13.89
C LEU A 222 -0.85 11.95 -14.90
N PHE A 223 -0.25 10.74 -14.83
CA PHE A 223 0.78 10.37 -15.77
C PHE A 223 0.43 9.00 -16.40
N PRO A 224 -0.48 8.98 -17.37
CA PRO A 224 -0.80 7.68 -17.94
C PRO A 224 0.20 7.20 -19.01
N GLY A 225 1.39 6.80 -18.60
CA GLY A 225 2.38 6.30 -19.53
C GLY A 225 1.98 5.09 -20.31
N THR A 226 2.26 5.09 -21.61
CA THR A 226 2.00 3.93 -22.47
C THR A 226 2.93 2.75 -22.22
N ASP A 227 4.10 3.05 -21.69
CA ASP A 227 5.20 2.11 -21.41
C ASP A 227 6.15 2.80 -20.44
N HIS A 228 7.25 2.14 -20.12
CA HIS A 228 8.20 2.64 -19.14
C HIS A 228 8.79 3.98 -19.50
N ILE A 229 9.27 4.09 -20.72
CA ILE A 229 9.99 5.28 -21.10
C ILE A 229 9.00 6.46 -21.25
N ASP A 230 7.82 6.18 -21.79
CA ASP A 230 6.77 7.17 -21.88
C ASP A 230 6.37 7.69 -20.48
N GLN A 231 6.27 6.77 -19.51
CA GLN A 231 6.00 7.18 -18.10
C GLN A 231 6.98 8.26 -17.61
N LEU A 232 8.29 8.00 -17.81
CA LEU A 232 9.32 8.91 -17.34
C LEU A 232 9.22 10.22 -18.09
N LYS A 233 8.89 10.11 -19.38
CA LYS A 233 8.73 11.27 -20.23
C LYS A 233 7.59 12.14 -19.68
N LEU A 234 6.44 11.54 -19.43
CA LEU A 234 5.29 12.38 -18.98
C LEU A 234 5.64 13.07 -17.67
N ILE A 235 6.38 12.37 -16.81
CA ILE A 235 6.74 12.96 -15.48
C ILE A 235 7.65 14.17 -15.73
N LEU A 236 8.70 13.94 -16.50
CA LEU A 236 9.64 14.99 -16.84
C LEU A 236 9.01 16.28 -17.38
N ARG A 237 8.04 16.10 -18.27
CA ARG A 237 7.32 17.15 -18.92
C ARG A 237 6.54 18.00 -17.96
N LEU A 238 5.87 17.36 -17.01
CA LEU A 238 5.23 18.11 -15.93
C LEU A 238 6.18 18.73 -14.93
N VAL A 239 7.03 17.94 -14.30
CA VAL A 239 7.83 18.48 -13.16
C VAL A 239 9.10 19.14 -13.66
N GLY A 240 9.48 18.90 -14.90
CA GLY A 240 10.62 19.63 -15.49
C GLY A 240 11.87 18.77 -15.30
N THR A 241 12.93 19.09 -16.05
CA THR A 241 14.20 18.33 -15.98
C THR A 241 14.96 18.49 -14.65
N PRO A 242 15.81 17.51 -14.29
CA PRO A 242 16.40 17.52 -12.96
C PRO A 242 17.20 18.74 -12.68
N GLY A 243 17.08 19.26 -11.46
CA GLY A 243 17.90 20.39 -11.03
C GLY A 243 19.35 20.02 -10.74
N ALA A 244 20.22 21.05 -10.71
CA ALA A 244 21.61 20.97 -10.23
C ALA A 244 21.87 20.17 -8.95
N GLU A 245 21.19 20.48 -7.84
CA GLU A 245 21.37 19.68 -6.58
C GLU A 245 21.08 18.21 -6.84
N LEU A 246 20.05 17.96 -7.61
CA LEU A 246 19.64 16.57 -7.87
C LEU A 246 20.71 15.88 -8.73
N LEU A 247 21.19 16.59 -9.76
CA LEU A 247 22.23 16.07 -10.64
C LEU A 247 23.49 15.69 -9.89
N LYS A 248 23.80 16.46 -8.86
CA LYS A 248 24.94 16.17 -7.97
C LYS A 248 24.92 14.80 -7.37
N LYS A 249 23.75 14.20 -7.29
CA LYS A 249 23.59 12.98 -6.52
C LYS A 249 23.55 11.81 -7.47
N ILE A 250 23.75 12.04 -8.75
CA ILE A 250 23.82 10.96 -9.73
C ILE A 250 25.27 10.78 -10.18
N SER A 251 25.86 9.61 -9.89
CA SER A 251 27.29 9.37 -10.25
C SER A 251 27.53 9.17 -11.70
N SER A 252 26.61 8.52 -12.45
CA SER A 252 26.85 8.20 -13.90
C SER A 252 26.94 9.45 -14.80
N GLU A 253 28.11 9.62 -15.38
CA GLU A 253 28.36 10.75 -16.26
C GLU A 253 27.45 10.66 -17.48
N SER A 254 27.32 9.47 -18.04
CA SER A 254 26.50 9.28 -19.24
C SER A 254 25.03 9.62 -18.97
N ALA A 255 24.56 9.34 -17.76
CA ALA A 255 23.15 9.61 -17.39
C ALA A 255 22.95 11.11 -17.26
N ARG A 256 23.90 11.77 -16.63
CA ARG A 256 23.87 13.24 -16.61
C ARG A 256 24.03 13.81 -18.00
N ASN A 257 24.90 13.18 -18.80
CA ASN A 257 25.08 13.61 -20.18
C ASN A 257 23.78 13.64 -20.96
N TYR A 258 23.06 12.53 -20.88
CA TYR A 258 21.75 12.38 -21.52
C TYR A 258 20.80 13.51 -21.07
N ILE A 259 20.65 13.59 -19.77
CA ILE A 259 19.69 14.43 -19.10
C ILE A 259 19.91 15.87 -19.48
N GLN A 260 21.14 16.34 -19.39
CA GLN A 260 21.42 17.73 -19.62
C GLN A 260 21.52 18.04 -21.09
N SER A 261 21.55 17.02 -21.95
CA SER A 261 21.50 17.28 -23.39
C SER A 261 20.08 17.41 -23.91
N LEU A 262 19.09 17.09 -23.07
CA LEU A 262 17.68 17.27 -23.48
C LEU A 262 17.31 18.74 -23.64
N THR A 263 16.39 19.08 -24.55
CA THR A 263 15.91 20.47 -24.59
C THR A 263 15.50 20.74 -23.15
N GLN A 264 16.08 21.75 -22.52
CA GLN A 264 15.86 22.00 -21.09
C GLN A 264 14.40 22.40 -20.91
N MET A 265 13.88 22.14 -19.72
CA MET A 265 12.45 22.03 -19.56
C MET A 265 11.94 22.58 -18.23
N PRO A 266 11.08 23.63 -18.29
CA PRO A 266 10.55 24.25 -17.06
C PRO A 266 9.60 23.32 -16.32
N LYS A 267 9.57 23.46 -15.00
CA LYS A 267 8.49 22.89 -14.19
C LYS A 267 7.20 23.63 -14.56
N MET A 268 6.35 23.00 -15.37
CA MET A 268 5.01 23.56 -15.74
C MET A 268 4.21 23.98 -14.50
N ASN A 269 3.35 25.00 -14.63
CA ASN A 269 2.45 25.37 -13.51
C ASN A 269 1.44 24.25 -13.18
N PHE A 270 1.51 23.75 -11.95
CA PHE A 270 0.65 22.65 -11.52
C PHE A 270 -0.84 22.97 -11.66
N ALA A 271 -1.16 24.19 -11.21
CA ALA A 271 -2.50 24.80 -11.40
C ALA A 271 -3.06 24.42 -12.74
N ASN A 272 -2.21 24.45 -13.78
CA ASN A 272 -2.71 24.37 -15.14
C ASN A 272 -1.81 23.66 -16.09
N GLY A 276 -9.19 25.48 -11.48
CA GLY A 276 -10.14 25.79 -10.39
C GLY A 276 -10.01 24.93 -9.15
N ALA A 277 -8.82 24.41 -8.90
CA ALA A 277 -8.61 23.58 -7.75
C ALA A 277 -8.24 24.50 -6.65
N ASN A 278 -8.49 24.04 -5.45
CA ASN A 278 -8.11 24.72 -4.26
C ASN A 278 -6.58 25.02 -4.20
N PRO A 279 -6.18 26.31 -4.03
CA PRO A 279 -4.75 26.55 -4.11
C PRO A 279 -3.92 25.76 -3.08
N LEU A 280 -4.52 25.43 -1.95
CA LEU A 280 -3.86 24.61 -0.97
C LEU A 280 -3.60 23.18 -1.52
N ALA A 281 -4.55 22.60 -2.26
CA ALA A 281 -4.33 21.31 -2.92
C ALA A 281 -3.11 21.43 -3.80
N VAL A 282 -3.08 22.49 -4.61
CA VAL A 282 -2.02 22.67 -5.59
C VAL A 282 -0.64 22.72 -4.93
N ASP A 283 -0.56 23.54 -3.90
CA ASP A 283 0.67 23.69 -3.11
C ASP A 283 1.12 22.37 -2.52
N LEU A 284 0.19 21.62 -1.99
CA LEU A 284 0.54 20.33 -1.41
C LEU A 284 1.06 19.42 -2.52
N LEU A 285 0.42 19.46 -3.68
CA LEU A 285 0.85 18.59 -4.74
C LEU A 285 2.24 18.92 -5.22
N GLU A 286 2.59 20.20 -5.19
CA GLU A 286 3.93 20.68 -5.63
C GLU A 286 5.04 20.20 -4.66
N LYS A 287 4.65 19.93 -3.44
CA LYS A 287 5.53 19.50 -2.40
C LYS A 287 5.61 18.00 -2.35
N MET A 288 4.60 17.30 -2.84
CA MET A 288 4.72 15.82 -3.01
C MET A 288 5.46 15.39 -4.29
N LEU A 289 5.15 16.06 -5.39
CA LEU A 289 5.58 15.63 -6.72
C LEU A 289 6.86 16.32 -7.13
N VAL A 290 7.92 15.95 -6.42
CA VAL A 290 9.24 16.52 -6.62
C VAL A 290 10.11 15.36 -6.97
N LEU A 291 10.92 15.51 -8.02
CA LEU A 291 11.75 14.45 -8.48
C LEU A 291 12.65 13.98 -7.38
N ASP A 292 13.32 14.95 -6.73
CA ASP A 292 14.26 14.62 -5.64
C ASP A 292 13.54 14.14 -4.40
N SER A 293 13.72 12.89 -4.05
CA SER A 293 12.96 12.24 -3.00
C SER A 293 13.31 12.79 -1.60
N ASP A 294 14.51 13.32 -1.44
CA ASP A 294 14.94 13.97 -0.21
C ASP A 294 14.20 15.28 0.01
N LYS A 295 13.64 15.86 -1.04
CA LYS A 295 12.93 17.09 -0.88
C LYS A 295 11.42 16.96 -0.90
N ARG A 296 10.90 15.75 -0.90
CA ARG A 296 9.46 15.57 -0.90
C ARG A 296 9.01 15.73 0.54
N ILE A 297 7.83 16.26 0.72
CA ILE A 297 7.19 16.35 1.99
C ILE A 297 6.94 14.93 2.56
N THR A 298 6.97 14.83 3.89
CA THR A 298 6.80 13.50 4.49
C THR A 298 5.34 13.37 4.86
N ALA A 299 4.97 12.20 5.34
CA ALA A 299 3.58 12.02 5.71
C ALA A 299 3.20 12.94 6.87
N ALA A 300 4.07 13.03 7.84
CA ALA A 300 3.76 13.79 9.03
C ALA A 300 3.72 15.25 8.71
N GLN A 301 4.63 15.74 7.86
CA GLN A 301 4.58 17.15 7.47
C GLN A 301 3.29 17.40 6.65
N ALA A 302 2.88 16.41 5.86
CA ALA A 302 1.72 16.62 4.96
C ALA A 302 0.46 16.76 5.77
N LEU A 303 0.38 15.96 6.81
CA LEU A 303 -0.78 15.98 7.70
C LEU A 303 -0.94 17.35 8.44
N ALA A 304 0.14 18.11 8.59
CA ALA A 304 0.10 19.41 9.21
C ALA A 304 -0.09 20.56 8.22
N HIS A 305 -0.09 20.25 6.92
CA HIS A 305 -0.29 21.20 5.88
C HIS A 305 -1.74 21.75 5.95
N ALA A 306 -1.88 23.04 5.66
CA ALA A 306 -3.14 23.79 5.80
C ALA A 306 -4.29 23.14 5.05
N TYR A 307 -4.01 22.55 3.88
CA TYR A 307 -4.99 21.75 3.17
C TYR A 307 -5.82 20.89 4.08
N PHE A 308 -5.27 20.39 5.19
CA PHE A 308 -6.02 19.41 6.03
C PHE A 308 -6.59 19.98 7.34
N ALA A 309 -6.63 21.31 7.42
CA ALA A 309 -7.07 22.02 8.66
C ALA A 309 -8.37 21.42 9.24
N GLN A 310 -9.33 21.12 8.39
CA GLN A 310 -10.59 20.49 8.75
C GLN A 310 -10.41 19.14 9.43
N TYR A 311 -9.43 18.35 9.04
CA TYR A 311 -9.33 16.92 9.54
C TYR A 311 -8.18 16.66 10.50
N HIS A 312 -7.15 17.50 10.40
CA HIS A 312 -5.90 17.29 11.14
C HIS A 312 -6.17 17.31 12.61
N ASP A 313 -5.78 16.24 13.28
CA ASP A 313 -5.69 16.26 14.74
C ASP A 313 -4.35 15.65 15.21
N PRO A 314 -3.47 16.50 15.69
CA PRO A 314 -2.11 16.07 16.06
C PRO A 314 -2.11 15.08 17.20
N ASP A 315 -3.18 14.97 17.95
CA ASP A 315 -3.19 13.97 19.00
C ASP A 315 -3.91 12.71 18.65
N ASP A 316 -4.24 12.52 17.37
CA ASP A 316 -4.90 11.27 16.90
C ASP A 316 -4.37 10.92 15.48
N GLU A 317 -3.07 10.92 15.38
CA GLU A 317 -2.35 10.55 14.18
C GLU A 317 -1.25 9.66 14.75
N PRO A 318 -1.63 8.47 15.24
CA PRO A 318 -0.65 7.71 16.02
C PRO A 318 0.51 7.08 15.24
N VAL A 319 1.63 6.81 15.94
CA VAL A 319 2.69 5.95 15.38
C VAL A 319 2.48 4.51 15.85
N ALA A 320 3.27 3.63 15.26
CA ALA A 320 3.25 2.20 15.53
C ALA A 320 4.23 1.84 16.64
N ASP A 321 3.89 0.79 17.34
CA ASP A 321 4.90 0.12 18.16
C ASP A 321 6.03 -0.26 17.26
N PRO A 322 7.26 -0.28 17.80
CA PRO A 322 8.39 -0.74 17.02
C PRO A 322 8.12 -2.12 16.45
N TYR A 323 8.59 -2.35 15.23
CA TYR A 323 8.33 -3.59 14.48
C TYR A 323 9.61 -4.37 14.37
N ASP A 324 9.61 -5.61 14.87
CA ASP A 324 10.79 -6.47 14.78
C ASP A 324 10.98 -7.07 13.37
N GLN A 325 11.86 -6.43 12.65
CA GLN A 325 12.10 -6.73 11.24
C GLN A 325 13.43 -7.50 11.07
N SER A 326 13.96 -8.03 12.19
CA SER A 326 15.26 -8.68 12.21
C SER A 326 15.22 -9.92 11.33
N PHE A 327 14.06 -10.57 11.22
CA PHE A 327 13.86 -11.67 10.25
C PHE A 327 14.18 -11.34 8.78
N GLU A 328 14.08 -10.06 8.36
CA GLU A 328 14.21 -9.73 6.94
C GLU A 328 15.59 -10.05 6.41
N SER A 329 16.55 -9.82 7.28
CA SER A 329 17.93 -10.07 6.93
C SER A 329 18.38 -11.56 7.12
N ARG A 330 17.52 -12.47 7.57
CA ARG A 330 17.97 -13.84 7.81
C ARG A 330 17.89 -14.66 6.51
N ASP A 331 18.85 -15.59 6.32
CA ASP A 331 18.73 -16.70 5.36
C ASP A 331 18.54 -18.00 6.15
N LEU A 332 17.32 -18.50 6.11
CA LEU A 332 16.97 -19.70 6.85
C LEU A 332 16.49 -20.77 5.94
N LEU A 333 16.39 -21.99 6.46
CA LEU A 333 15.82 -23.13 5.67
C LEU A 333 14.32 -23.09 5.65
N ILE A 334 13.72 -23.77 4.67
CA ILE A 334 12.27 -23.76 4.55
C ILE A 334 11.58 -24.17 5.81
N ASP A 335 12.03 -25.27 6.42
CA ASP A 335 11.40 -25.78 7.62
C ASP A 335 11.37 -24.75 8.74
N GLU A 336 12.36 -23.87 8.81
CA GLU A 336 12.38 -22.85 9.88
C GLU A 336 11.38 -21.78 9.55
N TRP A 337 11.33 -21.36 8.28
CA TRP A 337 10.34 -20.34 7.90
C TRP A 337 8.95 -20.88 8.20
N LYS A 338 8.76 -22.16 7.94
CA LYS A 338 7.47 -22.76 8.07
C LYS A 338 7.07 -22.88 9.52
N SER A 339 8.00 -23.33 10.36
CA SER A 339 7.81 -23.41 11.81
C SER A 339 7.56 -22.06 12.51
N LEU A 340 8.36 -21.07 12.18
CA LEU A 340 8.09 -19.72 12.59
C LEU A 340 6.65 -19.25 12.23
N THR A 341 6.21 -19.54 11.01
CA THR A 341 4.85 -19.18 10.61
C THR A 341 3.84 -19.92 11.48
N TYR A 342 3.99 -21.23 11.58
CA TYR A 342 3.10 -21.99 12.47
C TYR A 342 2.98 -21.37 13.86
N ASP A 343 4.12 -21.10 14.48
CA ASP A 343 4.16 -20.46 15.76
C ASP A 343 3.35 -19.13 15.79
N GLU A 344 3.30 -18.39 14.70
CA GLU A 344 2.54 -17.13 14.71
C GLU A 344 1.05 -17.40 14.51
N VAL A 345 0.72 -18.46 13.79
CA VAL A 345 -0.68 -18.84 13.64
C VAL A 345 -1.21 -19.15 15.03
N ILE A 346 -0.49 -20.02 15.71
CA ILE A 346 -0.84 -20.51 17.02
C ILE A 346 -0.85 -19.44 18.13
N SER A 347 -0.03 -18.43 18.06
CA SER A 347 -0.05 -17.46 19.13
C SER A 347 -1.14 -16.42 18.87
N PHE A 348 -1.88 -16.55 17.77
CA PHE A 348 -2.67 -15.40 17.34
C PHE A 348 -3.83 -15.17 18.27
N VAL A 349 -3.95 -13.92 18.66
CA VAL A 349 -5.02 -13.45 19.52
C VAL A 349 -5.80 -12.41 18.73
N PRO A 350 -7.12 -12.62 18.59
CA PRO A 350 -7.88 -11.65 17.85
C PRO A 350 -8.00 -10.34 18.62
N PRO A 351 -8.16 -9.21 17.90
CA PRO A 351 -8.47 -7.90 18.53
C PRO A 351 -9.76 -7.90 19.38
N PRO A 352 -10.01 -6.78 20.10
CA PRO A 352 -11.24 -6.63 20.89
C PRO A 352 -12.56 -7.05 20.19
CAY 79Q B . -20.21 -7.15 -4.59
CAT 79Q B . -21.19 -6.17 -4.20
OBD 79Q B . -21.10 -5.00 -5.10
CAU 79Q B . -19.92 -4.24 -5.02
CAZ 79Q B . -18.76 -5.26 -4.87
NBR 79Q B . -19.22 -6.51 -5.43
CAX 79Q B . -18.10 -7.47 -5.60
CAS 79Q B . -16.73 -7.04 -4.96
NBA 79Q B . -16.92 -7.04 -3.47
CBE 79Q B . -16.19 -6.54 -2.44
OAA 79Q B . -16.62 -6.75 -1.31
CBL 79Q B . -14.88 -5.94 -2.57
CAR 79Q B . -14.08 -5.89 -1.41
CBQ 79Q B . -12.79 -5.34 -1.40
CBG 79Q B . -12.07 -5.37 -0.19
OAC 79Q B . -12.68 -5.17 0.85
CAM 79Q B . -14.33 -5.41 -3.75
CAN 79Q B . -13.05 -4.87 -3.76
CBM 79Q B . -12.29 -4.83 -2.59
CAV 79Q B . -11.02 -4.33 -2.70
CAW 79Q B . -10.15 -5.60 -2.63
CBN 79Q B . -9.90 -6.04 -1.28
CAP 79Q B . -8.63 -6.65 -1.13
CBP 79Q B . -10.73 -5.91 -0.16
CAO 79Q B . -10.29 -6.41 1.09
CAK 79Q B . -9.05 -7.03 1.25
CBH 79Q B . -8.19 -7.14 0.14
NBC 79Q B . -6.96 -7.73 0.18
CBI 79Q B . -6.44 -8.45 1.21
CAQ 79Q B . -5.09 -8.28 1.40
CAJ 79Q B . -7.10 -9.38 2.01
CAL 79Q B . -6.41 -10.07 3.02
CBJ 79Q B . -5.04 -9.88 3.19
FAD 79Q B . -4.40 -10.55 4.14
CBO 79Q B . -4.37 -8.96 2.38
NBB 79Q B . -3.04 -8.79 2.59
CBF 79Q B . -2.44 -7.56 2.59
OAB 79Q B . -3.06 -6.52 2.50
CBK 79Q B . -1.04 -7.52 2.80
CAH 79Q B . -0.16 -8.36 2.06
CAF 79Q B . 1.24 -8.32 2.24
CAE 79Q B . 1.77 -7.47 3.19
CAG 79Q B . 0.93 -6.67 3.94
CAI 79Q B . -0.47 -6.68 3.75
C1 BOG C . 16.65 10.43 -5.01
O1 BOG C . 15.57 11.09 -5.56
C2 BOG C . 17.52 11.30 -4.08
O2 BOG C . 18.06 12.39 -4.86
C3 BOG C . 18.66 10.47 -3.52
O3 BOG C . 19.33 11.15 -2.46
C4 BOG C . 18.04 9.29 -2.83
O4 BOG C . 19.10 8.54 -2.37
C5 BOG C . 17.19 8.50 -3.77
O5 BOG C . 16.13 9.34 -4.21
C6 BOG C . 16.47 7.47 -2.90
O6 BOG C . 15.99 6.51 -3.80
C1' BOG C . 15.18 10.38 -6.73
C2' BOG C . 15.45 11.28 -7.93
C3' BOG C . 14.96 10.57 -9.13
C4' BOG C . 15.30 11.37 -10.34
C5' BOG C . 14.87 10.56 -11.54
C6' BOG C . 14.41 11.52 -12.64
C7' BOG C . 14.51 10.90 -14.04
C8' BOG C . 13.14 10.78 -14.74
C1 BOG D . 21.29 5.54 -10.15
O1 BOG D . 21.16 5.55 -11.55
C2 BOG D . 21.72 4.12 -9.92
O2 BOG D . 20.63 3.31 -10.28
C3 BOG D . 21.99 3.91 -8.46
O3 BOG D . 22.70 2.69 -8.32
C4 BOG D . 22.92 5.03 -7.96
O4 BOG D . 23.03 4.86 -6.56
C5 BOG D . 22.32 6.42 -8.20
O5 BOG D . 22.22 6.55 -9.62
C6 BOG D . 23.26 7.50 -7.66
O6 BOG D . 24.39 7.57 -8.49
C1' BOG D . 20.37 6.68 -12.03
C2' BOG D . 20.11 6.69 -13.55
C3' BOG D . 19.11 7.81 -13.88
C4' BOG D . 19.14 8.24 -15.36
C5' BOG D . 17.79 8.86 -15.80
C6' BOG D . 17.41 8.49 -17.27
C7' BOG D . 15.87 8.24 -17.50
C8' BOG D . 15.21 9.08 -18.63
#